data_9NO6
#
_entry.id   9NO6
#
_cell.length_a   47.030
_cell.length_b   118.413
_cell.length_c   204.948
_cell.angle_alpha   90.00
_cell.angle_beta   90.00
_cell.angle_gamma   90.00
#
_symmetry.space_group_name_H-M   'C 2 2 21'
#
loop_
_entity.id
_entity.type
_entity.pdbx_description
1 polymer 'Terpinolene synthase'
2 water water
#
_entity_poly.entity_id   1
_entity_poly.type   'polypeptide(L)'
_entity_poly.pdbx_seq_one_letter_code
;MQCMAFHQFAPSSSLPIWSSINNRFTPKTSITSISKPKPKLKPKSNLKSRSRSSTCYPIQCTVVDNPSSTITNNSDRRSA
NYGPPIWSFDFIQSLSTQYKGELYTSRLNKLEKDVKRILVGEENCLAQLELIDTIQRLGLSYRFENEIISILKEKFTNNN
NNPNYDLYATALQFRLLRQYGFEVPQEIFNNFKDQKTGEFKANISNDIMGALGLYEASFYGKKGESILDEARIFTTKCLK
NYIEKNKLLDDDNNIIALFVNHALETPLHWRINRLEARWFIEMYQKKKDMNFTLLEFAKLDFNMLQSIHQEDLKHLSRWW
EQSKLGEKKMENYVRDRLVEAFLWQIGVKFEPQFSQFRRISARLYVLITVIDDIYDVYGTLEELELFTKAIERWDVKAIN
ELPEYMRMPFFFLFNTVNEMGYDTLTDKNFINIEYLKKSWVVWSKYQLEEAKWFYSGYKPTLEEYMKNTWISVGGPIILL
HAYFAFTNPLEKASIKFLEEGYDDPSINIHEGSLEISNDGYPTIFHLGSILLRLEDDLGTSSDEMKRGDVPKSIQCYMSD
TGVSEDEAREHIKFLIMETWKEMNKEMDFNNYFSKEVVHVCKNLGRTAKFIYLYGDGHASQNNLSKGHISDLIINPIPM
;
_entity_poly.pdbx_strand_id   A
#
# COMPACT_ATOMS: atom_id res chain seq x y z
N TRP A 87 -22.04 -7.23 7.45
CA TRP A 87 -20.82 -7.83 6.92
C TRP A 87 -20.75 -9.33 7.19
N SER A 88 -21.92 -9.97 7.22
CA SER A 88 -21.97 -11.40 7.46
C SER A 88 -21.42 -12.18 6.26
N PHE A 89 -21.30 -13.49 6.44
CA PHE A 89 -20.82 -14.35 5.37
C PHE A 89 -21.78 -14.34 4.18
N ASP A 90 -23.09 -14.46 4.45
CA ASP A 90 -24.06 -14.42 3.38
C ASP A 90 -24.12 -13.04 2.72
N PHE A 91 -23.83 -11.97 3.47
CA PHE A 91 -23.72 -10.65 2.88
C PHE A 91 -22.64 -10.62 1.82
N ILE A 92 -21.44 -11.11 2.16
CA ILE A 92 -20.33 -11.09 1.21
C ILE A 92 -20.61 -12.00 0.03
N GLN A 93 -21.14 -13.21 0.30
CA GLN A 93 -21.46 -14.11 -0.80
C GLN A 93 -22.56 -13.57 -1.70
N SER A 94 -23.39 -12.66 -1.19
CA SER A 94 -24.43 -12.03 -1.99
C SER A 94 -23.92 -10.84 -2.79
N LEU A 95 -22.64 -10.51 -2.68
CA LEU A 95 -22.08 -9.41 -3.46
C LEU A 95 -22.11 -9.75 -4.95
N SER A 96 -22.70 -8.87 -5.73
CA SER A 96 -22.79 -9.06 -7.17
C SER A 96 -22.83 -7.71 -7.85
N THR A 97 -22.54 -7.72 -9.14
CA THR A 97 -22.57 -6.49 -9.95
C THR A 97 -22.66 -6.88 -11.41
N GLN A 98 -23.24 -5.99 -12.21
CA GLN A 98 -23.44 -6.26 -13.62
C GLN A 98 -22.17 -6.16 -14.44
N TYR A 99 -21.17 -5.40 -13.97
CA TYR A 99 -19.99 -5.08 -14.77
C TYR A 99 -19.07 -6.29 -14.84
N LYS A 100 -19.56 -7.31 -15.53
CA LYS A 100 -18.85 -8.55 -15.80
C LYS A 100 -19.44 -9.15 -17.07
N GLY A 101 -18.61 -9.83 -17.83
CA GLY A 101 -19.06 -10.52 -19.04
C GLY A 101 -18.33 -10.05 -20.27
N GLU A 102 -18.78 -10.57 -21.41
CA GLU A 102 -18.11 -10.32 -22.69
C GLU A 102 -18.57 -9.05 -23.38
N LEU A 103 -19.84 -8.67 -23.24
CA LEU A 103 -20.27 -7.38 -23.76
C LEU A 103 -19.52 -6.23 -23.08
N TYR A 104 -19.44 -6.27 -21.76
CA TYR A 104 -18.70 -5.27 -21.02
C TYR A 104 -17.22 -5.33 -21.32
N THR A 105 -16.66 -6.52 -21.54
CA THR A 105 -15.24 -6.63 -21.87
C THR A 105 -14.96 -6.02 -23.25
N SER A 106 -15.85 -6.28 -24.22
CA SER A 106 -15.69 -5.67 -25.53
C SER A 106 -15.79 -4.16 -25.46
N ARG A 107 -16.75 -3.64 -24.69
CA ARG A 107 -16.85 -2.21 -24.50
C ARG A 107 -15.61 -1.65 -23.81
N LEU A 108 -15.06 -2.40 -22.86
CA LEU A 108 -13.87 -1.95 -22.15
C LEU A 108 -12.68 -1.88 -23.09
N ASN A 109 -12.53 -2.85 -23.98
CA ASN A 109 -11.42 -2.81 -24.94
C ASN A 109 -11.62 -1.70 -25.96
N LYS A 110 -12.87 -1.48 -26.39
CA LYS A 110 -13.17 -0.33 -27.26
C LYS A 110 -12.73 0.97 -26.61
N LEU A 111 -13.19 1.21 -25.38
CA LEU A 111 -12.81 2.43 -24.66
C LEU A 111 -11.31 2.48 -24.41
N GLU A 112 -10.68 1.34 -24.17
CA GLU A 112 -9.23 1.32 -23.93
C GLU A 112 -8.48 1.81 -25.15
N LYS A 113 -8.84 1.30 -26.33
CA LYS A 113 -8.15 1.75 -27.54
C LYS A 113 -8.49 3.20 -27.88
N ASP A 114 -9.74 3.61 -27.64
CA ASP A 114 -10.11 5.01 -27.87
C ASP A 114 -9.29 5.95 -26.99
N VAL A 115 -9.20 5.64 -25.70
CA VAL A 115 -8.43 6.49 -24.78
C VAL A 115 -6.93 6.39 -25.08
N LYS A 116 -6.47 5.23 -25.54
CA LYS A 116 -5.06 5.09 -25.92
C LYS A 116 -4.72 6.03 -27.06
N ARG A 117 -5.57 6.08 -28.10
CA ARG A 117 -5.29 6.97 -29.21
C ARG A 117 -5.54 8.42 -28.84
N ILE A 118 -6.44 8.69 -27.90
CA ILE A 118 -6.59 10.05 -27.37
C ILE A 118 -5.29 10.49 -26.70
N LEU A 119 -4.69 9.60 -25.92
CA LEU A 119 -3.45 9.93 -25.21
C LEU A 119 -2.29 10.13 -26.18
N VAL A 120 -2.06 9.15 -27.06
CA VAL A 120 -0.96 9.25 -28.00
C VAL A 120 -1.16 10.38 -29.01
N GLY A 121 -2.40 10.83 -29.23
CA GLY A 121 -2.65 11.78 -30.30
C GLY A 121 -2.45 13.23 -29.92
N GLU A 122 -2.55 13.55 -28.65
CA GLU A 122 -2.39 14.94 -28.19
C GLU A 122 -0.98 15.44 -28.46
N GLU A 123 -0.87 16.43 -29.33
CA GLU A 123 0.41 17.01 -29.73
C GLU A 123 0.94 17.97 -28.68
N ASN A 124 0.07 18.62 -27.91
CA ASN A 124 0.53 19.61 -26.96
C ASN A 124 1.23 18.91 -25.81
N CYS A 125 2.52 19.21 -25.64
CA CYS A 125 3.33 18.56 -24.63
C CYS A 125 2.75 18.77 -23.23
N LEU A 126 2.43 20.01 -22.88
CA LEU A 126 1.89 20.29 -21.56
C LEU A 126 0.50 19.69 -21.38
N ALA A 127 -0.36 19.83 -22.39
CA ALA A 127 -1.67 19.19 -22.32
C ALA A 127 -1.54 17.68 -22.29
N GLN A 128 -0.49 17.14 -22.91
CA GLN A 128 -0.27 15.69 -22.85
C GLN A 128 0.15 15.25 -21.46
N LEU A 129 0.99 16.05 -20.79
CA LEU A 129 1.34 15.73 -19.42
C LEU A 129 0.12 15.82 -18.50
N GLU A 130 -0.72 16.83 -18.70
CA GLU A 130 -1.94 16.94 -17.92
C GLU A 130 -2.88 15.76 -18.19
N LEU A 131 -2.93 15.31 -19.44
CA LEU A 131 -3.72 14.13 -19.79
C LEU A 131 -3.19 12.89 -19.09
N ILE A 132 -1.85 12.73 -19.05
CA ILE A 132 -1.25 11.62 -18.34
C ILE A 132 -1.64 11.65 -16.87
N ASP A 133 -1.55 12.83 -16.25
CA ASP A 133 -1.89 12.95 -14.83
C ASP A 133 -3.36 12.62 -14.59
N THR A 134 -4.25 13.13 -15.45
CA THR A 134 -5.67 12.84 -15.31
C THR A 134 -5.94 11.34 -15.43
N ILE A 135 -5.35 10.70 -16.44
CA ILE A 135 -5.55 9.26 -16.64
C ILE A 135 -5.07 8.49 -15.42
N GLN A 136 -3.87 8.81 -14.93
CA GLN A 136 -3.33 8.05 -13.81
C GLN A 136 -4.10 8.31 -12.52
N ARG A 137 -4.66 9.51 -12.35
CA ARG A 137 -5.50 9.76 -11.18
C ARG A 137 -6.87 9.12 -11.31
N LEU A 138 -7.30 8.78 -12.52
CA LEU A 138 -8.48 7.94 -12.69
C LEU A 138 -8.22 6.50 -12.33
N GLY A 139 -6.96 6.12 -12.06
CA GLY A 139 -6.60 4.76 -11.73
C GLY A 139 -6.25 3.88 -12.91
N LEU A 140 -6.19 4.45 -14.12
CA LEU A 140 -5.98 3.69 -15.35
C LEU A 140 -4.51 3.57 -15.73
N SER A 141 -3.59 4.02 -14.88
CA SER A 141 -2.17 3.96 -15.20
C SER A 141 -1.69 2.53 -15.47
N TYR A 142 -2.39 1.53 -14.95
CA TYR A 142 -1.99 0.15 -15.18
C TYR A 142 -2.32 -0.34 -16.59
N ARG A 143 -3.04 0.45 -17.39
CA ARG A 143 -3.38 0.08 -18.75
C ARG A 143 -2.64 0.90 -19.80
N PHE A 144 -1.76 1.80 -19.39
CA PHE A 144 -1.01 2.62 -20.34
C PHE A 144 0.45 2.77 -19.94
N GLU A 145 0.97 1.83 -19.16
CA GLU A 145 2.34 1.89 -18.65
C GLU A 145 3.34 2.18 -19.77
N ASN A 146 3.33 1.37 -20.83
CA ASN A 146 4.31 1.53 -21.89
C ASN A 146 4.05 2.81 -22.69
N GLU A 147 2.79 3.14 -22.92
CA GLU A 147 2.47 4.38 -23.63
C GLU A 147 2.96 5.60 -22.84
N ILE A 148 2.71 5.61 -21.53
CA ILE A 148 3.13 6.73 -20.70
C ILE A 148 4.64 6.82 -20.65
N ILE A 149 5.32 5.69 -20.53
CA ILE A 149 6.78 5.69 -20.47
C ILE A 149 7.37 6.16 -21.79
N SER A 150 6.75 5.79 -22.92
CA SER A 150 7.24 6.23 -24.22
C SER A 150 7.00 7.72 -24.41
N ILE A 151 5.87 8.24 -23.93
CA ILE A 151 5.61 9.67 -24.00
C ILE A 151 6.61 10.43 -23.13
N LEU A 152 6.88 9.93 -21.93
CA LEU A 152 7.84 10.58 -21.04
C LEU A 152 9.27 10.43 -21.52
N LYS A 153 9.56 9.51 -22.44
CA LYS A 153 10.83 9.53 -23.15
C LYS A 153 10.82 10.56 -24.29
N GLU A 154 9.81 11.43 -24.32
CA GLU A 154 9.81 12.61 -25.17
C GLU A 154 10.01 13.90 -24.37
N LYS A 155 9.88 13.84 -23.05
CA LYS A 155 10.10 15.00 -22.18
C LYS A 155 11.37 14.79 -21.38
N PHE A 156 12.44 14.40 -22.06
CA PHE A 156 13.73 14.19 -21.41
C PHE A 156 14.77 15.11 -22.03
N ASN A 164 10.34 27.48 -20.16
CA ASN A 164 8.99 27.69 -20.66
C ASN A 164 7.94 27.42 -19.59
N TYR A 165 7.97 26.23 -19.01
CA TYR A 165 6.93 25.79 -18.10
C TYR A 165 6.87 26.68 -16.86
N ASP A 166 5.66 26.79 -16.30
CA ASP A 166 5.44 27.50 -15.06
C ASP A 166 5.58 26.52 -13.89
N LEU A 167 5.20 26.95 -12.69
CA LEU A 167 5.44 26.13 -11.50
C LEU A 167 4.61 24.84 -11.53
N TYR A 168 3.31 24.95 -11.84
CA TYR A 168 2.48 23.76 -11.91
C TYR A 168 3.00 22.80 -12.98
N ALA A 169 3.41 23.33 -14.13
CA ALA A 169 3.88 22.49 -15.22
C ALA A 169 5.24 21.87 -14.88
N THR A 170 6.17 22.68 -14.35
CA THR A 170 7.46 22.13 -13.97
C THR A 170 7.30 21.05 -12.90
N ALA A 171 6.40 21.27 -11.94
CA ALA A 171 6.18 20.30 -10.88
C ALA A 171 5.53 19.03 -11.42
N LEU A 172 4.57 19.17 -12.34
CA LEU A 172 3.92 17.99 -12.90
C LEU A 172 4.90 17.17 -13.71
N GLN A 173 5.72 17.83 -14.53
CA GLN A 173 6.73 17.13 -15.30
C GLN A 173 7.75 16.45 -14.39
N PHE A 174 8.21 17.15 -13.36
CA PHE A 174 9.14 16.57 -12.40
C PHE A 174 8.55 15.33 -11.75
N ARG A 175 7.30 15.43 -11.29
CA ARG A 175 6.67 14.33 -10.59
C ARG A 175 6.45 13.12 -11.50
N LEU A 176 6.00 13.37 -12.73
CA LEU A 176 5.75 12.27 -13.64
C LEU A 176 7.04 11.63 -14.13
N LEU A 177 8.12 12.41 -14.24
CA LEU A 177 9.41 11.82 -14.60
C LEU A 177 9.98 11.01 -13.43
N ARG A 178 9.88 11.55 -12.21
CA ARG A 178 10.35 10.82 -11.03
C ARG A 178 9.55 9.54 -10.82
N GLN A 179 8.27 9.55 -11.17
CA GLN A 179 7.40 8.41 -10.90
C GLN A 179 7.81 7.18 -11.71
N TYR A 180 8.18 7.39 -12.97
CA TYR A 180 8.48 6.29 -13.88
C TYR A 180 9.97 6.04 -14.03
N GLY A 181 10.77 6.41 -13.03
CA GLY A 181 12.18 6.05 -13.00
C GLY A 181 13.11 6.96 -13.75
N PHE A 182 12.62 8.08 -14.28
CA PHE A 182 13.48 9.01 -15.00
C PHE A 182 14.25 9.89 -14.02
N GLU A 183 15.44 10.31 -14.44
CA GLU A 183 16.34 11.08 -13.59
C GLU A 183 16.22 12.56 -13.94
N VAL A 184 15.57 13.32 -13.07
CA VAL A 184 15.49 14.77 -13.18
C VAL A 184 16.04 15.35 -11.87
N PRO A 185 16.96 16.30 -11.91
CA PRO A 185 17.57 16.78 -10.68
C PRO A 185 16.58 17.52 -9.79
N GLN A 186 16.84 17.44 -8.48
CA GLN A 186 16.01 18.17 -7.52
C GLN A 186 16.16 19.68 -7.67
N GLU A 187 17.29 20.12 -8.22
CA GLU A 187 17.60 21.55 -8.31
C GLU A 187 16.99 22.23 -9.52
N ILE A 188 15.96 21.64 -10.14
CA ILE A 188 15.23 22.33 -11.20
C ILE A 188 14.26 23.36 -10.66
N PHE A 189 14.13 23.48 -9.34
CA PHE A 189 13.22 24.41 -8.71
C PHE A 189 13.91 25.68 -8.22
N ASN A 190 15.23 25.80 -8.45
CA ASN A 190 15.89 27.08 -8.18
C ASN A 190 15.30 28.20 -9.02
N ASN A 191 14.68 27.86 -10.16
CA ASN A 191 13.99 28.85 -10.98
C ASN A 191 12.82 29.49 -10.22
N PHE A 192 12.40 28.90 -9.10
CA PHE A 192 11.26 29.39 -8.34
C PHE A 192 11.66 29.82 -6.94
N LYS A 193 12.91 30.28 -6.78
CA LYS A 193 13.43 30.80 -5.53
C LYS A 193 14.02 32.19 -5.78
N ASP A 194 14.43 32.84 -4.70
CA ASP A 194 15.05 34.16 -4.81
C ASP A 194 16.56 34.03 -4.67
N GLU A 199 15.31 31.47 -0.14
CA GLU A 199 14.20 30.54 -0.07
C GLU A 199 13.29 30.66 -1.29
N PHE A 200 12.20 29.89 -1.27
CA PHE A 200 11.27 29.88 -2.39
C PHE A 200 10.61 31.24 -2.56
N LYS A 201 10.17 31.52 -3.79
CA LYS A 201 9.55 32.79 -4.11
C LYS A 201 8.23 32.95 -3.37
N ALA A 202 8.03 34.14 -2.80
CA ALA A 202 6.85 34.39 -1.98
C ALA A 202 5.57 34.35 -2.82
N ASN A 203 5.66 34.81 -4.07
CA ASN A 203 4.49 34.83 -4.94
C ASN A 203 3.89 33.44 -5.18
N ILE A 204 4.65 32.38 -4.90
CA ILE A 204 4.12 31.03 -4.99
C ILE A 204 2.90 30.86 -4.10
N SER A 205 2.84 31.61 -2.99
CA SER A 205 1.64 31.62 -2.17
C SER A 205 0.42 32.05 -2.98
N ASN A 206 0.60 33.07 -3.84
CA ASN A 206 -0.47 33.48 -4.74
C ASN A 206 -0.77 32.44 -5.81
N ASP A 207 0.18 31.57 -6.11
CA ASP A 207 0.01 30.54 -7.14
C ASP A 207 -0.42 29.26 -6.45
N ILE A 208 -1.73 29.17 -6.19
CA ILE A 208 -2.26 28.06 -5.39
C ILE A 208 -2.08 26.73 -6.11
N MET A 209 -2.37 26.70 -7.42
CA MET A 209 -2.25 25.44 -8.15
C MET A 209 -0.79 25.03 -8.31
N GLY A 210 0.10 26.00 -8.53
CA GLY A 210 1.52 25.69 -8.54
C GLY A 210 2.01 25.19 -7.20
N ALA A 211 1.50 25.78 -6.12
CA ALA A 211 1.85 25.31 -4.78
C ALA A 211 1.38 23.87 -4.57
N LEU A 212 0.19 23.54 -5.07
CA LEU A 212 -0.31 22.18 -4.92
C LEU A 212 0.51 21.18 -5.74
N GLY A 213 0.85 21.55 -6.98
CA GLY A 213 1.71 20.69 -7.77
C GLY A 213 3.06 20.47 -7.13
N LEU A 214 3.63 21.54 -6.55
CA LEU A 214 4.92 21.42 -5.87
C LEU A 214 4.79 20.54 -4.62
N TYR A 215 3.69 20.68 -3.88
CA TYR A 215 3.43 19.81 -2.74
C TYR A 215 3.41 18.35 -3.16
N GLU A 216 2.68 18.05 -4.24
CA GLU A 216 2.61 16.67 -4.70
C GLU A 216 3.97 16.16 -5.18
N ALA A 217 4.73 17.00 -5.86
CA ALA A 217 6.03 16.56 -6.36
C ALA A 217 7.06 16.41 -5.25
N SER A 218 6.89 17.11 -4.13
CA SER A 218 7.89 17.09 -3.07
C SER A 218 7.99 15.74 -2.38
N PHE A 219 6.94 14.92 -2.43
CA PHE A 219 6.97 13.62 -1.76
C PHE A 219 7.70 12.56 -2.56
N TYR A 220 8.21 12.89 -3.74
CA TYR A 220 9.09 12.00 -4.48
C TYR A 220 10.55 12.26 -4.18
N GLY A 221 10.84 13.08 -3.16
CA GLY A 221 12.20 13.43 -2.85
C GLY A 221 12.95 12.27 -2.23
N LYS A 222 14.07 11.88 -2.83
CA LYS A 222 14.93 10.88 -2.22
C LYS A 222 15.59 11.46 -0.97
N LYS A 223 16.32 10.60 -0.26
CA LYS A 223 17.06 11.07 0.91
C LYS A 223 18.25 11.90 0.47
N GLY A 224 18.37 13.10 1.02
CA GLY A 224 19.45 14.01 0.68
C GLY A 224 19.07 15.14 -0.25
N GLU A 225 17.83 15.18 -0.72
CA GLU A 225 17.35 16.23 -1.62
C GLU A 225 16.68 17.31 -0.77
N SER A 226 17.49 18.25 -0.29
CA SER A 226 16.98 19.28 0.63
C SER A 226 16.05 20.26 -0.05
N ILE A 227 16.23 20.48 -1.36
CA ILE A 227 15.35 21.40 -2.09
C ILE A 227 13.91 20.88 -2.06
N LEU A 228 13.74 19.56 -2.25
CA LEU A 228 12.39 19.00 -2.26
C LEU A 228 11.76 19.00 -0.88
N ASP A 229 12.57 18.87 0.18
CA ASP A 229 12.01 18.97 1.53
C ASP A 229 11.61 20.42 1.84
N GLU A 230 12.42 21.39 1.40
CA GLU A 230 12.01 22.79 1.50
C GLU A 230 10.69 23.02 0.78
N ALA A 231 10.56 22.46 -0.43
CA ALA A 231 9.31 22.58 -1.16
C ALA A 231 8.16 21.94 -0.39
N ARG A 232 8.39 20.76 0.19
CA ARG A 232 7.37 20.09 0.98
C ARG A 232 6.87 21.00 2.10
N ILE A 233 7.79 21.55 2.89
CA ILE A 233 7.40 22.35 4.05
C ILE A 233 6.69 23.62 3.60
N PHE A 234 7.27 24.34 2.64
CA PHE A 234 6.71 25.61 2.20
C PHE A 234 5.33 25.41 1.57
N THR A 235 5.15 24.31 0.82
CA THR A 235 3.86 24.07 0.17
C THR A 235 2.81 23.58 1.15
N THR A 236 3.21 22.79 2.16
CA THR A 236 2.27 22.47 3.23
C THR A 236 1.78 23.74 3.90
N LYS A 237 2.70 24.68 4.18
CA LYS A 237 2.30 25.96 4.75
C LYS A 237 1.33 26.69 3.82
N CYS A 238 1.69 26.79 2.53
CA CYS A 238 0.85 27.50 1.57
C CYS A 238 -0.55 26.91 1.50
N LEU A 239 -0.65 25.58 1.49
CA LEU A 239 -1.95 24.95 1.31
C LEU A 239 -2.80 25.03 2.58
N LYS A 240 -2.18 24.86 3.75
CA LYS A 240 -2.94 25.09 4.99
C LYS A 240 -3.42 26.53 5.07
N ASN A 241 -2.61 27.47 4.59
CA ASN A 241 -3.02 28.87 4.60
C ASN A 241 -4.19 29.12 3.64
N TYR A 242 -4.12 28.53 2.44
CA TYR A 242 -5.23 28.67 1.51
C TYR A 242 -6.50 28.05 2.07
N ILE A 243 -6.37 26.94 2.80
CA ILE A 243 -7.55 26.29 3.36
C ILE A 243 -8.15 27.14 4.48
N GLU A 244 -7.30 27.73 5.33
CA GLU A 244 -7.84 28.54 6.41
C GLU A 244 -8.44 29.85 5.88
N LYS A 245 -7.83 30.41 4.84
CA LYS A 245 -8.35 31.67 4.28
C LYS A 245 -9.73 31.47 3.68
N ASN A 246 -9.87 30.51 2.78
CA ASN A 246 -11.17 30.20 2.19
C ASN A 246 -11.80 29.00 2.90
N ASP A 250 -18.46 26.53 2.81
CA ASP A 250 -19.10 25.23 3.01
C ASP A 250 -19.58 24.73 1.67
N ASP A 251 -19.23 25.52 0.66
CA ASP A 251 -19.57 25.30 -0.73
C ASP A 251 -19.25 23.88 -1.20
N ASP A 252 -20.27 23.20 -1.77
CA ASP A 252 -20.04 21.90 -2.39
C ASP A 252 -19.42 22.05 -3.76
N ASN A 253 -19.44 23.27 -4.31
CA ASN A 253 -18.99 23.57 -5.66
C ASN A 253 -17.79 24.50 -5.57
N ASN A 254 -16.66 23.94 -5.14
CA ASN A 254 -15.38 24.64 -5.18
C ASN A 254 -14.29 23.59 -5.30
N ILE A 255 -13.67 23.50 -6.46
CA ILE A 255 -12.80 22.37 -6.76
C ILE A 255 -11.42 22.57 -6.16
N ILE A 256 -10.89 23.79 -6.22
CA ILE A 256 -9.53 24.06 -5.72
C ILE A 256 -9.42 23.67 -4.25
N ALA A 257 -10.42 24.06 -3.45
CA ALA A 257 -10.38 23.76 -2.02
C ALA A 257 -10.46 22.26 -1.77
N LEU A 258 -11.31 21.55 -2.52
CA LEU A 258 -11.44 20.12 -2.33
C LEU A 258 -10.14 19.40 -2.70
N PHE A 259 -9.50 19.83 -3.79
CA PHE A 259 -8.22 19.23 -4.18
C PHE A 259 -7.15 19.49 -3.12
N VAL A 260 -7.10 20.72 -2.58
CA VAL A 260 -6.11 21.04 -1.56
C VAL A 260 -6.34 20.21 -0.30
N ASN A 261 -7.62 20.08 0.10
CA ASN A 261 -7.93 19.23 1.26
C ASN A 261 -7.53 17.79 1.02
N HIS A 262 -7.83 17.27 -0.18
CA HIS A 262 -7.49 15.89 -0.50
C HIS A 262 -5.99 15.67 -0.45
N ALA A 263 -5.20 16.62 -0.95
CA ALA A 263 -3.76 16.47 -0.94
C ALA A 263 -3.19 16.59 0.46
N LEU A 264 -3.72 17.52 1.27
CA LEU A 264 -3.28 17.64 2.65
C LEU A 264 -3.59 16.37 3.43
N GLU A 265 -4.76 15.79 3.20
CA GLU A 265 -5.14 14.54 3.85
C GLU A 265 -4.11 13.44 3.58
N THR A 266 -3.76 13.27 2.30
CA THR A 266 -2.71 12.35 1.86
C THR A 266 -2.31 12.71 0.44
N PRO A 267 -1.02 12.88 0.18
CA PRO A 267 -0.58 13.22 -1.19
C PRO A 267 -0.80 12.07 -2.15
N LEU A 268 -0.58 12.37 -3.43
CA LEU A 268 -0.74 11.36 -4.48
C LEU A 268 0.22 10.20 -4.29
N HIS A 269 1.48 10.50 -4.00
CA HIS A 269 2.51 9.47 -3.90
C HIS A 269 2.23 8.46 -2.79
N TRP A 270 1.39 8.81 -1.81
CA TRP A 270 1.16 7.97 -0.66
C TRP A 270 -0.21 7.30 -0.64
N ARG A 271 -1.16 7.76 -1.45
CA ARG A 271 -2.51 7.23 -1.43
C ARG A 271 -2.64 6.02 -2.35
N ILE A 272 -3.44 5.04 -1.92
CA ILE A 272 -3.64 3.85 -2.74
C ILE A 272 -4.39 4.21 -4.02
N ASN A 273 -4.24 3.36 -5.03
CA ASN A 273 -4.74 3.68 -6.37
C ASN A 273 -6.27 3.67 -6.42
N ARG A 274 -6.90 2.72 -5.73
CA ARG A 274 -8.35 2.57 -5.86
C ARG A 274 -9.08 3.74 -5.20
N LEU A 275 -8.62 4.17 -4.02
CA LEU A 275 -9.26 5.29 -3.33
C LEU A 275 -9.12 6.58 -4.15
N GLU A 276 -7.90 6.88 -4.59
CA GLU A 276 -7.68 8.04 -5.44
C GLU A 276 -8.48 7.95 -6.72
N ALA A 277 -8.62 6.74 -7.27
CA ALA A 277 -9.36 6.56 -8.51
C ALA A 277 -10.84 6.88 -8.31
N ARG A 278 -11.45 6.33 -7.25
CA ARG A 278 -12.84 6.63 -6.98
C ARG A 278 -13.06 8.12 -6.73
N TRP A 279 -12.22 8.72 -5.88
CA TRP A 279 -12.39 10.14 -5.56
C TRP A 279 -12.21 11.01 -6.79
N PHE A 280 -11.21 10.71 -7.62
CA PHE A 280 -10.96 11.54 -8.79
C PHE A 280 -11.97 11.28 -9.89
N ILE A 281 -12.55 10.08 -9.98
CA ILE A 281 -13.66 9.86 -10.90
C ILE A 281 -14.85 10.72 -10.50
N GLU A 282 -15.12 10.79 -9.19
CA GLU A 282 -16.18 11.67 -8.72
C GLU A 282 -15.86 13.13 -9.01
N MET A 283 -14.59 13.53 -8.85
CA MET A 283 -14.21 14.93 -9.02
C MET A 283 -14.13 15.36 -10.48
N TYR A 284 -13.75 14.45 -11.38
CA TYR A 284 -13.53 14.80 -12.78
C TYR A 284 -14.79 15.26 -13.48
N GLN A 285 -15.96 14.84 -12.98
CA GLN A 285 -17.21 15.29 -13.59
C GLN A 285 -17.48 16.76 -13.28
N LYS A 286 -16.93 17.28 -12.18
CA LYS A 286 -17.09 18.67 -11.82
C LYS A 286 -16.20 19.60 -12.63
N LYS A 287 -15.27 19.06 -13.43
CA LYS A 287 -14.44 19.89 -14.27
C LYS A 287 -15.23 20.43 -15.46
N LYS A 288 -14.88 21.64 -15.89
CA LYS A 288 -15.42 22.19 -17.12
C LYS A 288 -14.67 21.69 -18.35
N ASP A 289 -13.51 21.07 -18.16
CA ASP A 289 -12.66 20.59 -19.25
C ASP A 289 -12.84 19.11 -19.54
N MET A 290 -13.67 18.41 -18.77
CA MET A 290 -13.63 16.96 -18.72
C MET A 290 -13.90 16.33 -20.09
N ASN A 291 -13.26 15.19 -20.32
CA ASN A 291 -13.46 14.37 -21.50
C ASN A 291 -14.45 13.25 -21.15
N PHE A 292 -15.51 13.13 -21.96
CA PHE A 292 -16.56 12.18 -21.62
C PHE A 292 -16.13 10.73 -21.88
N THR A 293 -15.43 10.48 -22.99
CA THR A 293 -14.94 9.14 -23.27
C THR A 293 -13.95 8.68 -22.20
N LEU A 294 -13.09 9.60 -21.74
CA LEU A 294 -12.14 9.27 -20.67
C LEU A 294 -12.88 8.91 -19.39
N LEU A 295 -13.92 9.67 -19.04
CA LEU A 295 -14.69 9.37 -17.84
C LEU A 295 -15.44 8.05 -17.97
N GLU A 296 -15.99 7.77 -19.15
CA GLU A 296 -16.68 6.51 -19.37
C GLU A 296 -15.73 5.33 -19.22
N PHE A 297 -14.53 5.44 -19.80
CA PHE A 297 -13.54 4.39 -19.65
C PHE A 297 -13.12 4.21 -18.19
N ALA A 298 -12.94 5.33 -17.47
CA ALA A 298 -12.60 5.25 -16.06
C ALA A 298 -13.67 4.51 -15.28
N LYS A 299 -14.93 4.90 -15.46
CA LYS A 299 -16.04 4.26 -14.75
C LYS A 299 -16.09 2.76 -15.08
N LEU A 300 -16.04 2.42 -16.36
CA LEU A 300 -16.19 1.02 -16.76
C LEU A 300 -15.06 0.17 -16.22
N ASP A 301 -13.82 0.65 -16.36
CA ASP A 301 -12.68 -0.12 -15.88
C ASP A 301 -12.72 -0.28 -14.37
N PHE A 302 -13.05 0.79 -13.65
CA PHE A 302 -13.16 0.71 -12.20
C PHE A 302 -14.23 -0.30 -11.79
N ASN A 303 -15.35 -0.34 -12.52
CA ASN A 303 -16.42 -1.25 -12.15
C ASN A 303 -16.07 -2.70 -12.43
N MET A 304 -15.41 -2.96 -13.57
CA MET A 304 -14.99 -4.34 -13.84
C MET A 304 -13.94 -4.81 -12.84
N LEU A 305 -13.02 -3.91 -12.47
CA LEU A 305 -12.04 -4.26 -11.45
C LEU A 305 -12.71 -4.48 -10.10
N GLN A 306 -13.76 -3.72 -9.79
CA GLN A 306 -14.52 -3.94 -8.57
C GLN A 306 -15.22 -5.29 -8.59
N SER A 307 -15.68 -5.71 -9.77
CA SER A 307 -16.29 -7.04 -9.88
C SER A 307 -15.26 -8.13 -9.59
N ILE A 308 -14.07 -8.00 -10.18
CA ILE A 308 -13.00 -8.96 -9.91
C ILE A 308 -12.67 -8.98 -8.42
N HIS A 309 -12.64 -7.80 -7.80
CA HIS A 309 -12.35 -7.73 -6.36
C HIS A 309 -13.45 -8.36 -5.54
N GLN A 310 -14.71 -8.17 -5.95
CA GLN A 310 -15.82 -8.84 -5.26
C GLN A 310 -15.65 -10.35 -5.31
N GLU A 311 -15.28 -10.89 -6.48
CA GLU A 311 -15.11 -12.32 -6.58
C GLU A 311 -13.95 -12.81 -5.71
N ASP A 312 -12.83 -12.07 -5.69
CA ASP A 312 -11.73 -12.45 -4.82
C ASP A 312 -12.13 -12.43 -3.35
N LEU A 313 -12.92 -11.42 -2.96
CA LEU A 313 -13.36 -11.33 -1.57
C LEU A 313 -14.30 -12.47 -1.21
N LYS A 314 -15.19 -12.85 -2.13
CA LYS A 314 -16.07 -14.00 -1.85
C LYS A 314 -15.27 -15.28 -1.74
N HIS A 315 -14.22 -15.43 -2.56
CA HIS A 315 -13.33 -16.58 -2.46
C HIS A 315 -12.69 -16.64 -1.08
N LEU A 316 -12.06 -15.54 -0.66
CA LEU A 316 -11.44 -15.50 0.66
C LEU A 316 -12.46 -15.71 1.77
N SER A 317 -13.70 -15.23 1.58
CA SER A 317 -14.73 -15.39 2.59
C SER A 317 -15.13 -16.86 2.75
N ARG A 318 -15.31 -17.57 1.63
CA ARG A 318 -15.56 -19.00 1.72
C ARG A 318 -14.41 -19.73 2.40
N TRP A 319 -13.17 -19.35 2.05
CA TRP A 319 -12.01 -19.99 2.65
C TRP A 319 -12.00 -19.81 4.17
N TRP A 320 -12.27 -18.59 4.64
CA TRP A 320 -12.27 -18.35 6.08
C TRP A 320 -13.49 -18.98 6.75
N GLU A 321 -14.60 -19.11 6.04
CA GLU A 321 -15.78 -19.74 6.62
C GLU A 321 -15.56 -21.22 6.86
N GLN A 322 -14.99 -21.92 5.86
CA GLN A 322 -14.69 -23.33 6.08
C GLN A 322 -13.54 -23.55 7.04
N SER A 323 -12.79 -22.50 7.38
CA SER A 323 -11.83 -22.60 8.48
C SER A 323 -12.54 -22.84 9.80
N LYS A 324 -13.80 -22.42 9.89
CA LYS A 324 -14.60 -22.50 11.13
C LYS A 324 -13.89 -21.87 12.31
N LEU A 325 -12.99 -20.92 12.04
CA LEU A 325 -12.37 -20.13 13.10
C LEU A 325 -13.22 -18.92 13.48
N GLY A 326 -14.50 -18.92 13.13
CA GLY A 326 -15.40 -17.86 13.50
C GLY A 326 -16.69 -18.38 14.10
N GLU A 327 -16.77 -19.70 14.27
CA GLU A 327 -17.94 -20.32 14.87
C GLU A 327 -17.59 -21.03 16.18
N ASP A 336 -12.55 -12.13 13.65
CA ASP A 336 -13.30 -12.29 12.42
C ASP A 336 -13.09 -11.11 11.48
N ARG A 337 -11.85 -10.66 11.36
CA ARG A 337 -11.52 -9.51 10.50
C ARG A 337 -11.09 -10.04 9.14
N LEU A 338 -12.09 -10.35 8.32
CA LEU A 338 -11.88 -10.88 6.99
C LEU A 338 -11.76 -9.76 5.96
N VAL A 339 -12.78 -8.90 5.88
CA VAL A 339 -12.79 -7.84 4.88
C VAL A 339 -11.69 -6.82 5.17
N GLU A 340 -11.29 -6.67 6.43
CA GLU A 340 -10.15 -5.82 6.74
C GLU A 340 -8.89 -6.36 6.07
N ALA A 341 -8.76 -7.68 5.99
CA ALA A 341 -7.60 -8.28 5.33
C ALA A 341 -7.67 -8.17 3.83
N PHE A 342 -8.87 -8.13 3.24
CA PHE A 342 -8.99 -8.03 1.80
C PHE A 342 -8.88 -6.57 1.32
N LEU A 343 -9.26 -5.62 2.17
CA LEU A 343 -8.91 -4.23 1.90
C LEU A 343 -7.41 -4.08 1.68
N TRP A 344 -6.61 -4.92 2.36
CA TRP A 344 -5.17 -4.90 2.17
C TRP A 344 -4.79 -5.32 0.76
N GLN A 345 -5.51 -6.30 0.19
CA GLN A 345 -5.21 -6.67 -1.19
C GLN A 345 -5.72 -5.63 -2.17
N ILE A 346 -6.82 -4.94 -1.82
CA ILE A 346 -7.28 -3.82 -2.63
C ILE A 346 -6.23 -2.73 -2.66
N GLY A 347 -5.49 -2.55 -1.57
CA GLY A 347 -4.46 -1.53 -1.52
C GLY A 347 -3.09 -1.97 -2.02
N VAL A 348 -2.81 -3.26 -2.01
CA VAL A 348 -1.48 -3.77 -2.30
C VAL A 348 -1.30 -4.08 -3.78
N LYS A 349 -2.22 -4.86 -4.36
CA LYS A 349 -2.10 -5.25 -5.76
C LYS A 349 -3.52 -5.32 -6.33
N PHE A 350 -3.99 -4.19 -6.86
CA PHE A 350 -5.38 -4.07 -7.29
C PHE A 350 -5.63 -4.54 -8.72
N GLU A 351 -4.59 -4.61 -9.55
CA GLU A 351 -4.78 -4.91 -10.96
C GLU A 351 -5.46 -6.27 -11.14
N PRO A 352 -6.19 -6.46 -12.25
CA PRO A 352 -6.96 -7.70 -12.44
C PRO A 352 -6.13 -8.98 -12.36
N GLN A 353 -5.13 -9.10 -13.23
CA GLN A 353 -4.39 -10.36 -13.39
C GLN A 353 -3.77 -10.86 -12.09
N PHE A 354 -3.70 -10.02 -11.06
CA PHE A 354 -3.22 -10.46 -9.74
C PHE A 354 -4.36 -10.93 -8.84
N SER A 355 -5.35 -11.62 -9.40
CA SER A 355 -6.42 -12.18 -8.59
C SER A 355 -5.87 -13.19 -7.59
N GLN A 356 -5.17 -14.21 -8.07
CA GLN A 356 -4.69 -15.29 -7.20
C GLN A 356 -3.86 -14.74 -6.05
N PHE A 357 -2.90 -13.86 -6.35
CA PHE A 357 -2.15 -13.19 -5.30
C PHE A 357 -3.09 -12.61 -4.25
N ARG A 358 -4.04 -11.77 -4.69
CA ARG A 358 -5.00 -11.17 -3.77
C ARG A 358 -5.72 -12.25 -2.96
N ARG A 359 -6.02 -13.38 -3.59
CA ARG A 359 -6.75 -14.43 -2.88
C ARG A 359 -5.88 -15.16 -1.87
N ILE A 360 -4.57 -15.26 -2.14
CA ILE A 360 -3.70 -16.04 -1.27
C ILE A 360 -3.01 -15.15 -0.24
N SER A 361 -2.43 -14.04 -0.69
CA SER A 361 -1.75 -13.12 0.23
C SER A 361 -2.66 -12.70 1.37
N ALA A 362 -3.93 -12.44 1.07
CA ALA A 362 -4.88 -12.02 2.09
C ALA A 362 -4.91 -13.00 3.26
N ARG A 363 -4.80 -14.30 2.96
CA ARG A 363 -4.79 -15.31 4.03
C ARG A 363 -3.70 -15.03 5.05
N LEU A 364 -2.50 -14.69 4.57
CA LEU A 364 -1.44 -14.25 5.47
C LEU A 364 -1.93 -13.13 6.38
N TYR A 365 -2.46 -12.06 5.77
CA TYR A 365 -3.02 -10.94 6.53
C TYR A 365 -4.04 -11.43 7.54
N VAL A 366 -4.80 -12.48 7.20
CA VAL A 366 -5.69 -13.09 8.17
C VAL A 366 -4.88 -13.84 9.23
N LEU A 367 -4.06 -14.80 8.79
CA LEU A 367 -3.38 -15.70 9.72
C LEU A 367 -2.55 -14.93 10.73
N ILE A 368 -1.67 -14.05 10.24
CA ILE A 368 -0.92 -13.15 11.12
C ILE A 368 -1.87 -12.51 12.14
N THR A 369 -2.90 -11.84 11.64
CA THR A 369 -3.84 -11.15 12.51
C THR A 369 -4.41 -12.09 13.57
N VAL A 370 -4.69 -13.33 13.20
CA VAL A 370 -5.20 -14.29 14.17
C VAL A 370 -4.11 -14.65 15.18
N ILE A 371 -2.92 -15.03 14.69
CA ILE A 371 -1.93 -15.59 15.58
C ILE A 371 -1.34 -14.53 16.50
N ASP A 372 -1.21 -13.30 16.01
CA ASP A 372 -0.86 -12.19 16.88
C ASP A 372 -1.77 -12.14 18.10
N ASP A 373 -3.07 -12.33 17.89
CA ASP A 373 -4.01 -12.35 19.01
C ASP A 373 -3.74 -13.50 19.96
N ILE A 374 -3.28 -14.64 19.45
CA ILE A 374 -2.91 -15.73 20.36
C ILE A 374 -1.72 -15.31 21.21
N TYR A 375 -0.85 -14.44 20.69
CA TYR A 375 0.31 -14.01 21.45
C TYR A 375 0.00 -12.79 22.32
N ASP A 376 -0.53 -11.73 21.73
CA ASP A 376 -0.74 -10.48 22.44
C ASP A 376 -1.98 -10.50 23.35
N VAL A 377 -2.82 -11.52 23.27
CA VAL A 377 -4.09 -11.48 24.01
C VAL A 377 -4.28 -12.72 24.88
N TYR A 378 -4.28 -13.90 24.27
CA TYR A 378 -4.80 -15.10 24.91
C TYR A 378 -3.74 -16.02 25.52
N GLY A 379 -2.45 -15.79 25.26
CA GLY A 379 -1.43 -16.78 25.53
C GLY A 379 -0.59 -16.54 26.78
N THR A 380 -0.53 -17.55 27.64
CA THR A 380 0.46 -17.63 28.69
C THR A 380 1.78 -18.10 28.10
N LEU A 381 2.88 -17.82 28.82
CA LEU A 381 4.20 -18.09 28.25
C LEU A 381 4.43 -19.57 27.98
N GLU A 382 3.85 -20.46 28.80
CA GLU A 382 3.98 -21.89 28.53
C GLU A 382 3.34 -22.27 27.20
N GLU A 383 2.09 -21.84 27.01
CA GLU A 383 1.38 -22.14 25.76
C GLU A 383 2.04 -21.47 24.57
N LEU A 384 2.59 -20.27 24.75
CA LEU A 384 3.25 -19.59 23.63
C LEU A 384 4.57 -20.27 23.28
N GLU A 385 5.31 -20.75 24.28
CA GLU A 385 6.49 -21.56 24.02
C GLU A 385 6.11 -22.81 23.24
N LEU A 386 5.04 -23.48 23.65
CA LEU A 386 4.58 -24.67 22.93
C LEU A 386 4.21 -24.34 21.50
N PHE A 387 3.50 -23.22 21.29
CA PHE A 387 3.08 -22.84 19.94
C PHE A 387 4.28 -22.53 19.05
N THR A 388 5.23 -21.74 19.56
CA THR A 388 6.40 -21.38 18.78
C THR A 388 7.27 -22.60 18.48
N LYS A 389 7.41 -23.51 19.45
CA LYS A 389 8.20 -24.72 19.21
C LYS A 389 7.50 -25.66 18.25
N ALA A 390 6.16 -25.68 18.25
CA ALA A 390 5.43 -26.48 17.28
C ALA A 390 5.56 -25.90 15.87
N ILE A 391 5.60 -24.58 15.75
CA ILE A 391 5.86 -23.97 14.44
C ILE A 391 7.27 -24.27 13.98
N GLU A 392 8.25 -24.19 14.90
CA GLU A 392 9.62 -24.50 14.55
C GLU A 392 9.79 -25.95 14.11
N ARG A 393 9.12 -26.88 14.80
CA ARG A 393 9.13 -28.27 14.36
C ARG A 393 8.35 -28.43 13.07
N TRP A 394 7.22 -27.74 12.94
CA TRP A 394 6.40 -27.71 11.72
C TRP A 394 6.06 -29.13 11.28
N ASP A 395 5.37 -29.85 12.17
CA ASP A 395 5.00 -31.24 11.91
C ASP A 395 3.58 -31.47 12.41
N VAL A 396 2.79 -32.19 11.60
CA VAL A 396 1.39 -32.45 11.93
C VAL A 396 1.23 -33.33 13.15
N LYS A 397 2.32 -33.92 13.66
CA LYS A 397 2.28 -34.70 14.89
C LYS A 397 2.57 -33.88 16.12
N ALA A 398 2.90 -32.60 15.98
CA ALA A 398 3.11 -31.70 17.11
C ALA A 398 1.82 -31.07 17.60
N ILE A 399 0.68 -31.53 17.10
CA ILE A 399 -0.60 -30.93 17.45
C ILE A 399 -1.18 -31.50 18.75
N ASN A 400 -0.85 -32.75 19.08
CA ASN A 400 -1.22 -33.28 20.37
C ASN A 400 -0.62 -32.47 21.52
N GLU A 401 0.56 -31.89 21.30
CA GLU A 401 1.25 -31.19 22.38
C GLU A 401 0.59 -29.86 22.71
N LEU A 402 -0.08 -29.24 21.75
CA LEU A 402 -0.66 -27.93 21.96
C LEU A 402 -1.95 -28.02 22.76
N PRO A 403 -2.25 -27.00 23.58
CA PRO A 403 -3.55 -26.96 24.25
C PRO A 403 -4.69 -26.91 23.23
N GLU A 404 -5.88 -27.26 23.71
CA GLU A 404 -7.01 -27.52 22.81
C GLU A 404 -7.31 -26.31 21.93
N TYR A 405 -7.28 -25.11 22.49
CA TYR A 405 -7.63 -23.93 21.71
C TYR A 405 -6.55 -23.52 20.72
N MET A 406 -5.34 -24.07 20.84
CA MET A 406 -4.24 -23.75 19.94
C MET A 406 -4.09 -24.73 18.78
N ARG A 407 -4.62 -25.94 18.91
CA ARG A 407 -4.47 -26.94 17.85
C ARG A 407 -5.07 -26.43 16.55
N MET A 408 -6.30 -25.94 16.61
CA MET A 408 -7.02 -25.54 15.41
C MET A 408 -6.32 -24.40 14.65
N PRO A 409 -5.93 -23.29 15.28
CA PRO A 409 -5.21 -22.26 14.51
C PRO A 409 -3.86 -22.73 13.98
N PHE A 410 -3.11 -23.51 14.77
CA PHE A 410 -1.83 -24.02 14.27
C PHE A 410 -2.04 -24.98 13.10
N PHE A 411 -3.01 -25.89 13.22
CA PHE A 411 -3.29 -26.82 12.13
C PHE A 411 -3.70 -26.06 10.87
N PHE A 412 -4.52 -25.02 11.02
CA PHE A 412 -4.95 -24.27 9.85
C PHE A 412 -3.80 -23.49 9.23
N LEU A 413 -2.94 -22.89 10.06
CA LEU A 413 -1.75 -22.22 9.53
C LEU A 413 -0.85 -23.20 8.80
N PHE A 414 -0.65 -24.38 9.38
CA PHE A 414 0.15 -25.44 8.74
C PHE A 414 -0.40 -25.77 7.36
N ASN A 415 -1.70 -26.07 7.28
CA ASN A 415 -2.30 -26.44 6.01
C ASN A 415 -2.21 -25.29 5.00
N THR A 416 -2.47 -24.07 5.44
CA THR A 416 -2.47 -22.93 4.52
C THR A 416 -1.08 -22.66 3.96
N VAL A 417 -0.07 -22.66 4.83
CA VAL A 417 1.29 -22.37 4.37
C VAL A 417 1.81 -23.51 3.50
N ASN A 418 1.46 -24.76 3.82
CA ASN A 418 1.83 -25.85 2.94
C ASN A 418 1.12 -25.75 1.59
N GLU A 419 -0.10 -25.23 1.58
CA GLU A 419 -0.80 -25.01 0.32
C GLU A 419 -0.11 -23.94 -0.51
N MET A 420 0.41 -22.89 0.14
CA MET A 420 1.17 -21.89 -0.59
C MET A 420 2.47 -22.47 -1.14
N GLY A 421 3.14 -23.31 -0.34
CA GLY A 421 4.34 -23.98 -0.84
C GLY A 421 4.05 -24.87 -2.03
N TYR A 422 2.90 -25.57 -1.99
CA TYR A 422 2.51 -26.37 -3.14
C TYR A 422 2.17 -25.50 -4.34
N ASP A 423 1.56 -24.34 -4.12
CA ASP A 423 1.33 -23.41 -5.21
C ASP A 423 2.64 -23.01 -5.88
N THR A 424 3.67 -22.76 -5.08
CA THR A 424 4.98 -22.45 -5.67
C THR A 424 5.54 -23.65 -6.43
N LEU A 425 5.46 -24.85 -5.84
CA LEU A 425 5.98 -26.05 -6.51
C LEU A 425 5.26 -26.30 -7.83
N THR A 426 3.97 -25.98 -7.91
CA THR A 426 3.20 -26.28 -9.11
C THR A 426 3.28 -25.17 -10.16
N ASP A 427 3.49 -23.92 -9.75
CA ASP A 427 3.53 -22.82 -10.71
C ASP A 427 4.95 -22.49 -11.16
N LYS A 428 5.97 -22.83 -10.37
CA LYS A 428 7.34 -22.43 -10.68
C LYS A 428 8.35 -23.55 -10.45
N ASN A 429 7.90 -24.79 -10.22
CA ASN A 429 8.77 -25.94 -10.00
C ASN A 429 9.89 -25.60 -9.02
N PHE A 430 9.54 -25.32 -7.77
CA PHE A 430 10.50 -24.91 -6.76
C PHE A 430 9.92 -25.23 -5.39
N ILE A 431 10.77 -25.73 -4.50
CA ILE A 431 10.36 -26.11 -3.15
C ILE A 431 10.79 -24.99 -2.22
N ASN A 432 9.84 -24.13 -1.85
CA ASN A 432 10.10 -22.99 -0.98
C ASN A 432 9.49 -23.16 0.40
N ILE A 433 8.91 -24.32 0.71
CA ILE A 433 8.26 -24.51 2.01
C ILE A 433 9.25 -24.32 3.14
N GLU A 434 10.54 -24.62 2.89
CA GLU A 434 11.57 -24.35 3.88
C GLU A 434 11.61 -22.88 4.25
N TYR A 435 11.55 -22.00 3.26
CA TYR A 435 11.68 -20.57 3.51
C TYR A 435 10.42 -19.97 4.12
N LEU A 436 9.24 -20.44 3.72
CA LEU A 436 8.01 -20.01 4.37
C LEU A 436 7.99 -20.45 5.83
N LYS A 437 8.38 -21.70 6.09
CA LYS A 437 8.49 -22.18 7.46
C LYS A 437 9.47 -21.34 8.26
N LYS A 438 10.61 -20.98 7.66
CA LYS A 438 11.61 -20.20 8.38
C LYS A 438 11.10 -18.78 8.67
N SER A 439 10.35 -18.20 7.73
CA SER A 439 9.77 -16.88 7.95
C SER A 439 8.79 -16.91 9.10
N TRP A 440 7.91 -17.91 9.12
CA TRP A 440 6.98 -18.04 10.24
C TRP A 440 7.71 -18.35 11.54
N VAL A 441 8.84 -19.07 11.47
CA VAL A 441 9.63 -19.35 12.66
C VAL A 441 10.17 -18.05 13.26
N VAL A 442 10.77 -17.21 12.42
CA VAL A 442 11.33 -15.95 12.91
C VAL A 442 10.22 -15.04 13.44
N TRP A 443 9.09 -14.97 12.73
CA TRP A 443 7.97 -14.17 13.19
C TRP A 443 7.47 -14.65 14.56
N SER A 444 7.33 -15.96 14.73
CA SER A 444 6.86 -16.50 16.00
C SER A 444 7.86 -16.25 17.12
N LYS A 445 9.16 -16.34 16.80
CA LYS A 445 10.18 -16.07 17.82
C LYS A 445 10.11 -14.64 18.30
N TYR A 446 9.99 -13.68 17.37
CA TYR A 446 9.92 -12.29 17.80
C TYR A 446 8.61 -11.97 18.51
N GLN A 447 7.51 -12.61 18.11
CA GLN A 447 6.25 -12.46 18.84
C GLN A 447 6.37 -13.00 20.26
N LEU A 448 7.05 -14.14 20.43
CA LEU A 448 7.25 -14.69 21.76
C LEU A 448 8.15 -13.80 22.60
N GLU A 449 9.14 -13.16 21.97
CA GLU A 449 9.96 -12.19 22.69
C GLU A 449 9.12 -11.02 23.17
N GLU A 450 8.20 -10.53 22.34
CA GLU A 450 7.31 -9.44 22.76
C GLU A 450 6.39 -9.89 23.89
N ALA A 451 5.92 -11.14 23.84
CA ALA A 451 5.09 -11.65 24.93
C ALA A 451 5.88 -11.74 26.23
N LYS A 452 7.14 -12.14 26.15
CA LYS A 452 8.02 -12.11 27.32
C LYS A 452 8.17 -10.70 27.85
N TRP A 453 8.34 -9.73 26.95
CA TRP A 453 8.39 -8.32 27.36
C TRP A 453 7.14 -7.93 28.12
N PHE A 454 5.97 -8.34 27.62
CA PHE A 454 4.72 -7.95 28.26
C PHE A 454 4.59 -8.59 29.64
N TYR A 455 4.84 -9.89 29.75
CA TYR A 455 4.70 -10.56 31.04
C TYR A 455 5.71 -10.04 32.05
N SER A 456 7.00 -10.10 31.69
CA SER A 456 8.05 -9.57 32.56
C SER A 456 7.97 -8.07 32.73
N GLY A 457 7.18 -7.38 31.92
CA GLY A 457 7.02 -5.95 32.06
C GLY A 457 8.14 -5.12 31.47
N TYR A 458 8.78 -5.60 30.41
CA TYR A 458 9.93 -4.91 29.83
C TYR A 458 9.46 -3.76 28.94
N LYS A 459 10.04 -2.58 29.15
CA LYS A 459 9.77 -1.41 28.33
C LYS A 459 11.04 -1.01 27.61
N PRO A 460 11.23 -1.43 26.36
CA PRO A 460 12.50 -1.21 25.67
C PRO A 460 12.64 0.23 25.18
N THR A 461 13.86 0.57 24.83
CA THR A 461 14.13 1.84 24.15
C THR A 461 13.50 1.79 22.76
N LEU A 462 13.45 2.96 22.11
CA LEU A 462 12.98 2.98 20.73
C LEU A 462 13.93 2.21 19.82
N GLU A 463 15.21 2.13 20.19
CA GLU A 463 16.17 1.38 19.38
C GLU A 463 15.83 -0.10 19.37
N GLU A 464 15.63 -0.69 20.55
CA GLU A 464 15.29 -2.11 20.62
C GLU A 464 13.95 -2.39 19.97
N TYR A 465 12.96 -1.52 20.23
CA TYR A 465 11.64 -1.70 19.63
C TYR A 465 11.70 -1.68 18.12
N MET A 466 12.52 -0.77 17.55
CA MET A 466 12.61 -0.69 16.09
C MET A 466 13.44 -1.83 15.52
N LYS A 467 14.46 -2.29 16.24
CA LYS A 467 15.19 -3.47 15.78
C LYS A 467 14.32 -4.72 15.79
N ASN A 468 13.31 -4.76 16.67
CA ASN A 468 12.48 -5.94 16.82
C ASN A 468 11.25 -5.93 15.91
N THR A 469 10.42 -4.88 16.01
CA THR A 469 9.02 -5.01 15.65
C THR A 469 8.75 -5.05 14.15
N TRP A 470 9.66 -4.55 13.31
CA TRP A 470 9.41 -4.60 11.88
C TRP A 470 9.37 -6.03 11.36
N ILE A 471 9.91 -6.98 12.10
CA ILE A 471 9.82 -8.39 11.74
C ILE A 471 8.53 -9.01 12.25
N SER A 472 8.16 -8.72 13.50
CA SER A 472 6.95 -9.28 14.09
C SER A 472 5.68 -8.61 13.58
N VAL A 473 5.80 -7.50 12.85
CA VAL A 473 4.62 -6.86 12.28
C VAL A 473 3.97 -7.68 11.18
N GLY A 474 4.69 -8.69 10.67
CA GLY A 474 4.19 -9.53 9.60
C GLY A 474 4.75 -9.21 8.23
N GLY A 475 5.46 -8.09 8.10
CA GLY A 475 6.01 -7.65 6.84
C GLY A 475 6.81 -8.70 6.10
N PRO A 476 7.85 -9.24 6.73
CA PRO A 476 8.69 -10.24 6.03
C PRO A 476 7.92 -11.44 5.51
N ILE A 477 6.90 -11.92 6.22
CA ILE A 477 6.12 -13.07 5.73
C ILE A 477 5.43 -12.71 4.41
N ILE A 478 4.66 -11.62 4.42
CA ILE A 478 3.95 -11.17 3.25
C ILE A 478 4.91 -10.92 2.10
N LEU A 479 6.06 -10.31 2.39
CA LEU A 479 7.00 -9.95 1.33
C LEU A 479 7.72 -11.18 0.77
N LEU A 480 7.95 -12.20 1.60
CA LEU A 480 8.53 -13.44 1.08
C LEU A 480 7.54 -14.17 0.18
N HIS A 481 6.27 -14.21 0.58
CA HIS A 481 5.25 -14.78 -0.30
C HIS A 481 5.18 -14.02 -1.62
N ALA A 482 5.24 -12.68 -1.55
CA ALA A 482 5.21 -11.89 -2.78
C ALA A 482 6.45 -12.16 -3.64
N TYR A 483 7.61 -12.32 -2.99
CA TYR A 483 8.83 -12.66 -3.71
C TYR A 483 8.67 -13.95 -4.48
N PHE A 484 8.21 -15.01 -3.80
CA PHE A 484 8.02 -16.27 -4.51
C PHE A 484 6.85 -16.22 -5.50
N ALA A 485 5.97 -15.22 -5.37
CA ALA A 485 4.88 -15.08 -6.33
C ALA A 485 5.30 -14.37 -7.61
N PHE A 486 6.24 -13.43 -7.52
CA PHE A 486 6.60 -12.59 -8.66
C PHE A 486 8.07 -12.69 -9.05
N THR A 487 8.78 -13.71 -8.57
CA THR A 487 10.18 -13.91 -8.93
C THR A 487 10.37 -15.36 -9.36
N ASN A 488 11.06 -15.55 -10.48
CA ASN A 488 11.41 -16.89 -10.93
C ASN A 488 12.51 -17.45 -10.03
N PRO A 489 12.25 -18.49 -9.23
CA PRO A 489 13.26 -18.98 -8.29
C PRO A 489 14.26 -19.95 -8.89
N LEU A 490 14.06 -20.40 -10.14
CA LEU A 490 15.05 -21.23 -10.81
C LEU A 490 16.19 -20.41 -11.38
N GLU A 491 16.18 -19.10 -11.19
CA GLU A 491 17.25 -18.24 -11.69
C GLU A 491 18.44 -18.26 -10.73
N LYS A 492 19.55 -17.70 -11.19
CA LYS A 492 20.77 -17.70 -10.39
C LYS A 492 20.66 -16.69 -9.24
N ALA A 493 20.06 -15.53 -9.50
CA ALA A 493 19.94 -14.50 -8.47
C ALA A 493 19.11 -15.01 -7.29
N SER A 494 18.06 -15.77 -7.56
CA SER A 494 17.22 -16.29 -6.48
C SER A 494 17.95 -17.35 -5.67
N ILE A 495 18.51 -18.36 -6.35
CA ILE A 495 19.21 -19.44 -5.66
C ILE A 495 20.37 -18.90 -4.85
N LYS A 496 21.05 -17.85 -5.35
CA LYS A 496 22.12 -17.24 -4.57
C LYS A 496 21.58 -16.40 -3.41
N PHE A 497 20.42 -15.76 -3.62
CA PHE A 497 19.93 -14.78 -2.66
C PHE A 497 19.44 -15.43 -1.38
N LEU A 498 18.83 -16.62 -1.48
CA LEU A 498 18.12 -17.20 -0.34
C LEU A 498 19.01 -17.47 0.86
N GLU A 499 20.33 -17.46 0.67
CA GLU A 499 21.27 -17.57 1.79
C GLU A 499 21.33 -16.25 2.55
N TYR A 521 19.90 -9.05 4.31
CA TYR A 521 18.45 -9.02 4.14
C TYR A 521 18.04 -7.82 3.29
N PRO A 522 17.04 -8.02 2.40
CA PRO A 522 16.61 -6.93 1.50
C PRO A 522 16.27 -5.64 2.21
N THR A 523 16.93 -4.55 1.80
CA THR A 523 16.64 -3.24 2.36
C THR A 523 15.19 -2.82 2.10
N ILE A 524 14.69 -3.12 0.90
CA ILE A 524 13.33 -2.73 0.55
C ILE A 524 12.32 -3.41 1.46
N PHE A 525 12.59 -4.65 1.87
CA PHE A 525 11.70 -5.33 2.80
C PHE A 525 11.74 -4.67 4.16
N HIS A 526 12.94 -4.29 4.62
CA HIS A 526 13.08 -3.58 5.89
C HIS A 526 12.27 -2.30 5.88
N LEU A 527 12.40 -1.51 4.82
CA LEU A 527 11.69 -0.23 4.73
C LEU A 527 10.18 -0.44 4.66
N GLY A 528 9.73 -1.40 3.85
CA GLY A 528 8.29 -1.66 3.76
C GLY A 528 7.71 -2.12 5.08
N SER A 529 8.39 -3.05 5.75
CA SER A 529 7.89 -3.55 7.02
C SER A 529 7.95 -2.47 8.11
N ILE A 530 8.93 -1.57 8.05
CA ILE A 530 9.00 -0.50 9.04
C ILE A 530 7.89 0.52 8.81
N LEU A 531 7.60 0.84 7.55
CA LEU A 531 6.44 1.68 7.26
C LEU A 531 5.16 1.02 7.76
N LEU A 532 5.01 -0.28 7.50
CA LEU A 532 3.89 -1.05 8.00
C LEU A 532 3.76 -0.91 9.52
N ARG A 533 4.86 -1.11 10.23
CA ARG A 533 4.86 -1.07 11.69
C ARG A 533 4.49 0.33 12.20
N LEU A 534 5.13 1.37 11.66
CA LEU A 534 4.90 2.71 12.16
C LEU A 534 3.48 3.17 11.88
N GLU A 535 2.93 2.84 10.71
CA GLU A 535 1.54 3.19 10.44
C GLU A 535 0.59 2.41 11.34
N ASP A 536 0.85 1.12 11.53
CA ASP A 536 0.03 0.32 12.44
C ASP A 536 -0.01 0.94 13.83
N ASP A 537 1.16 1.34 14.34
CA ASP A 537 1.22 1.89 15.69
C ASP A 537 0.57 3.26 15.77
N LEU A 538 0.83 4.13 14.78
CA LEU A 538 0.19 5.44 14.78
C LEU A 538 -1.32 5.32 14.66
N GLY A 539 -1.83 4.25 14.06
CA GLY A 539 -3.26 4.06 13.98
C GLY A 539 -3.86 3.47 15.24
N THR A 540 -3.19 2.48 15.84
CA THR A 540 -3.77 1.68 16.91
C THR A 540 -3.30 2.07 18.30
N SER A 541 -2.50 3.12 18.44
CA SER A 541 -2.02 3.51 19.77
C SER A 541 -3.18 3.95 20.67
N SER A 542 -4.14 4.69 20.12
CA SER A 542 -5.29 5.09 20.92
C SER A 542 -6.11 3.89 21.36
N ASP A 543 -6.49 3.02 20.41
CA ASP A 543 -7.43 1.96 20.73
C ASP A 543 -6.79 0.85 21.56
N GLU A 544 -5.51 0.55 21.30
CA GLU A 544 -4.89 -0.65 21.83
C GLU A 544 -3.85 -0.38 22.90
N MET A 545 -3.56 0.88 23.22
CA MET A 545 -2.65 1.19 24.31
C MET A 545 -3.37 1.88 25.45
N PRO A 551 4.38 -1.28 25.51
CA PRO A 551 4.55 0.03 24.85
C PRO A 551 4.90 -0.09 23.37
N LYS A 552 4.27 0.76 22.55
CA LYS A 552 4.58 0.80 21.13
C LYS A 552 5.55 1.95 20.87
N SER A 553 5.73 2.30 19.59
CA SER A 553 6.79 3.22 19.19
C SER A 553 6.62 4.59 19.84
N ILE A 554 5.41 5.15 19.77
CA ILE A 554 5.13 6.46 20.36
C ILE A 554 5.48 6.47 21.84
N GLN A 555 5.02 5.44 22.55
CA GLN A 555 5.25 5.39 24.00
C GLN A 555 6.71 5.11 24.34
N CYS A 556 7.40 4.31 23.52
CA CYS A 556 8.82 4.11 23.73
C CYS A 556 9.60 5.40 23.54
N TYR A 557 9.21 6.21 22.56
CA TYR A 557 9.86 7.51 22.39
C TYR A 557 9.54 8.42 23.56
N MET A 558 8.32 8.36 24.07
CA MET A 558 7.97 9.11 25.28
C MET A 558 8.80 8.64 26.47
N SER A 559 9.21 7.37 26.49
CA SER A 559 10.06 6.88 27.56
C SER A 559 11.49 7.40 27.42
N ASP A 560 12.09 7.20 26.24
CA ASP A 560 13.46 7.64 26.01
C ASP A 560 13.58 9.15 26.22
N THR A 561 13.07 9.93 25.27
CA THR A 561 12.95 11.37 25.43
C THR A 561 11.64 11.70 26.13
N GLY A 562 11.67 12.72 26.98
CA GLY A 562 10.48 13.08 27.74
C GLY A 562 9.56 14.03 27.01
N VAL A 563 8.60 13.48 26.27
CA VAL A 563 7.71 14.29 25.46
C VAL A 563 6.26 13.82 25.68
N SER A 564 5.33 14.73 25.46
CA SER A 564 3.93 14.37 25.48
C SER A 564 3.59 13.50 24.27
N GLU A 565 2.44 12.83 24.33
CA GLU A 565 2.09 11.87 23.29
C GLU A 565 1.93 12.54 21.94
N ASP A 566 1.48 13.79 21.91
CA ASP A 566 1.38 14.52 20.64
C ASP A 566 2.74 14.63 19.96
N GLU A 567 3.75 15.06 20.72
CA GLU A 567 5.08 15.26 20.15
C GLU A 567 5.69 13.95 19.67
N ALA A 568 5.44 12.86 20.41
CA ALA A 568 5.97 11.57 19.99
C ALA A 568 5.26 11.05 18.75
N ARG A 569 3.94 11.28 18.66
CA ARG A 569 3.23 10.94 17.43
C ARG A 569 3.80 11.73 16.25
N GLU A 570 4.13 13.00 16.47
CA GLU A 570 4.73 13.80 15.40
C GLU A 570 6.09 13.24 15.00
N HIS A 571 6.88 12.80 15.99
CA HIS A 571 8.18 12.21 15.66
C HIS A 571 8.01 10.91 14.89
N ILE A 572 6.99 10.12 15.20
CA ILE A 572 6.76 8.89 14.46
C ILE A 572 6.33 9.21 13.02
N LYS A 573 5.52 10.26 12.85
CA LYS A 573 5.20 10.70 11.49
C LYS A 573 6.46 11.12 10.74
N PHE A 574 7.37 11.81 11.43
CA PHE A 574 8.63 12.20 10.79
C PHE A 574 9.45 10.97 10.42
N LEU A 575 9.46 9.96 11.27
CA LEU A 575 10.18 8.72 10.95
C LEU A 575 9.55 8.03 9.73
N ILE A 576 8.22 8.09 9.63
CA ILE A 576 7.55 7.53 8.46
C ILE A 576 7.98 8.27 7.19
N MET A 577 8.02 9.61 7.25
CA MET A 577 8.41 10.38 6.08
C MET A 577 9.87 10.14 5.72
N GLU A 578 10.73 9.95 6.72
CA GLU A 578 12.12 9.63 6.46
C GLU A 578 12.26 8.26 5.79
N THR A 579 11.51 7.27 6.28
CA THR A 579 11.53 5.96 5.65
C THR A 579 11.01 6.04 4.21
N TRP A 580 10.01 6.88 3.97
CA TRP A 580 9.49 7.05 2.62
C TRP A 580 10.56 7.65 1.70
N LYS A 581 11.20 8.74 2.14
CA LYS A 581 12.21 9.37 1.30
C LYS A 581 13.46 8.52 1.16
N GLU A 582 13.70 7.58 2.07
CA GLU A 582 14.74 6.59 1.84
C GLU A 582 14.30 5.55 0.82
N MET A 583 13.01 5.18 0.85
CA MET A 583 12.53 4.18 -0.09
C MET A 583 12.40 4.74 -1.51
N ASN A 584 12.25 6.07 -1.64
CA ASN A 584 12.24 6.68 -2.96
C ASN A 584 13.53 6.46 -3.72
N LYS A 585 14.59 5.98 -3.05
CA LYS A 585 15.83 5.65 -3.73
C LYS A 585 15.74 4.30 -4.41
N GLU A 586 15.11 3.31 -3.77
CA GLU A 586 14.84 2.03 -4.40
C GLU A 586 13.89 2.22 -5.58
N MET A 587 14.39 2.07 -6.79
CA MET A 587 13.59 2.34 -7.98
C MET A 587 12.55 1.26 -8.19
N ASP A 588 11.55 1.59 -9.01
CA ASP A 588 10.38 0.72 -9.18
C ASP A 588 10.59 -0.34 -10.26
N PHE A 589 10.93 0.08 -11.47
CA PHE A 589 10.72 -0.73 -12.66
C PHE A 589 11.94 -1.52 -13.11
N ASN A 590 13.12 -1.26 -12.53
CA ASN A 590 14.31 -2.05 -12.86
C ASN A 590 15.16 -2.16 -11.59
N ASN A 591 14.86 -3.19 -10.81
CA ASN A 591 15.54 -3.43 -9.54
C ASN A 591 16.05 -4.87 -9.50
N TYR A 592 16.76 -5.19 -8.42
CA TYR A 592 17.12 -6.57 -8.13
C TYR A 592 15.88 -7.46 -8.07
N PHE A 593 14.78 -6.92 -7.55
CA PHE A 593 13.51 -7.61 -7.48
C PHE A 593 12.62 -7.19 -8.64
N SER A 594 11.60 -8.01 -8.90
CA SER A 594 10.64 -7.68 -9.94
C SER A 594 9.88 -6.41 -9.58
N LYS A 595 9.41 -5.69 -10.60
CA LYS A 595 8.67 -4.47 -10.35
C LYS A 595 7.39 -4.73 -9.56
N GLU A 596 6.83 -5.93 -9.68
CA GLU A 596 5.66 -6.28 -8.88
C GLU A 596 6.02 -6.36 -7.40
N VAL A 597 7.22 -6.84 -7.08
CA VAL A 597 7.64 -6.91 -5.68
C VAL A 597 7.87 -5.51 -5.12
N VAL A 598 8.48 -4.63 -5.91
CA VAL A 598 8.65 -3.24 -5.49
C VAL A 598 7.29 -2.59 -5.27
N HIS A 599 6.34 -2.86 -6.17
CA HIS A 599 4.97 -2.38 -5.98
C HIS A 599 4.38 -2.91 -4.69
N VAL A 600 4.59 -4.20 -4.40
CA VAL A 600 4.03 -4.80 -3.20
C VAL A 600 4.59 -4.13 -1.95
N CYS A 601 5.88 -3.79 -1.97
CA CYS A 601 6.48 -3.14 -0.79
C CYS A 601 5.95 -1.73 -0.61
N LYS A 602 6.02 -0.90 -1.67
CA LYS A 602 5.55 0.47 -1.56
C LYS A 602 4.05 0.53 -1.25
N ASN A 603 3.29 -0.44 -1.75
CA ASN A 603 1.87 -0.50 -1.47
C ASN A 603 1.58 -1.08 -0.09
N LEU A 604 2.48 -1.91 0.44
CA LEU A 604 2.41 -2.25 1.85
C LEU A 604 2.45 -0.98 2.69
N GLY A 605 3.41 -0.09 2.38
CA GLY A 605 3.45 1.19 3.07
C GLY A 605 2.18 2.00 2.91
N ARG A 606 1.75 2.19 1.65
CA ARG A 606 0.58 3.03 1.38
C ARG A 606 -0.69 2.46 2.02
N THR A 607 -0.89 1.15 1.91
CA THR A 607 -2.07 0.51 2.47
C THR A 607 -2.04 0.53 3.99
N ALA A 608 -0.85 0.46 4.60
CA ALA A 608 -0.75 0.66 6.04
C ALA A 608 -1.20 2.07 6.41
N LYS A 609 -0.78 3.06 5.62
CA LYS A 609 -1.23 4.43 5.87
C LYS A 609 -2.74 4.57 5.70
N PHE A 610 -3.33 3.80 4.78
CA PHE A 610 -4.74 3.96 4.45
C PHE A 610 -5.66 3.23 5.43
N ILE A 611 -5.34 1.97 5.76
CA ILE A 611 -6.25 1.14 6.55
C ILE A 611 -6.47 1.75 7.92
N TYR A 612 -5.39 1.92 8.68
CA TYR A 612 -5.51 2.47 10.03
C TYR A 612 -6.00 3.91 10.03
N LEU A 613 -6.01 4.56 8.88
CA LEU A 613 -6.63 5.88 8.78
C LEU A 613 -8.15 5.74 8.64
N LYS A 626 -17.61 3.20 7.53
CA LYS A 626 -17.94 2.07 6.69
C LYS A 626 -18.13 2.51 5.24
N GLY A 627 -18.27 3.82 5.04
CA GLY A 627 -18.61 4.38 3.75
C GLY A 627 -17.72 4.00 2.59
N HIS A 628 -16.41 4.23 2.72
CA HIS A 628 -15.51 4.05 1.58
C HIS A 628 -15.15 2.59 1.34
N ILE A 629 -15.24 1.73 2.36
CA ILE A 629 -15.16 0.29 2.11
C ILE A 629 -16.27 -0.13 1.16
N SER A 630 -17.49 0.39 1.39
CA SER A 630 -18.59 0.14 0.46
C SER A 630 -18.35 0.82 -0.88
N ASP A 631 -17.69 1.99 -0.87
CA ASP A 631 -17.32 2.65 -2.12
C ASP A 631 -16.47 1.74 -3.00
N LEU A 632 -15.45 1.11 -2.40
CA LEU A 632 -14.49 0.34 -3.17
C LEU A 632 -14.98 -1.06 -3.49
N ILE A 633 -15.71 -1.70 -2.58
CA ILE A 633 -16.02 -3.12 -2.69
C ILE A 633 -17.45 -3.38 -3.15
N ILE A 634 -18.42 -2.66 -2.59
CA ILE A 634 -19.82 -3.05 -2.73
C ILE A 634 -20.49 -2.35 -3.91
N ASN A 635 -20.58 -1.02 -3.86
CA ASN A 635 -21.40 -0.33 -4.85
C ASN A 635 -20.52 0.21 -5.98
N PRO A 636 -20.92 -0.02 -7.24
CA PRO A 636 -20.16 0.55 -8.36
C PRO A 636 -20.37 2.05 -8.45
N ILE A 637 -19.59 2.68 -9.31
CA ILE A 637 -19.82 4.10 -9.61
C ILE A 637 -21.03 4.20 -10.53
N PRO A 638 -22.04 5.00 -10.18
CA PRO A 638 -23.28 5.02 -10.98
C PRO A 638 -23.07 5.47 -12.42
N MET A 639 -23.07 4.51 -13.34
CA MET A 639 -22.96 4.84 -14.76
C MET A 639 -24.34 5.17 -15.34
#